data_6K0P
#
_entry.id   6K0P
#
_cell.length_a   132.525
_cell.length_b   132.525
_cell.length_c   76.147
_cell.angle_alpha   90.000
_cell.angle_beta   90.000
_cell.angle_gamma   90.000
#
_symmetry.space_group_name_H-M   'P 43 21 2'
#
loop_
_entity.id
_entity.type
_entity.pdbx_description
1 polymer Alpha-1,3-glucanase
2 branched alpha-D-glucopyranose-(1-3)-alpha-D-glucopyranose
3 non-polymer 'SULFATE ION'
4 non-polymer 'CALCIUM ION'
5 non-polymer 'ACETIC ACID'
6 water water
#
_entity_poly.entity_id   1
_entity_poly.type   'polypeptide(L)'
_entity_poly.pdbx_seq_one_letter_code
;AGSVDTVSLYSGRGANMPFTIMEAESTSNATNGTKLTPNFKPGDYAGEASGRSSVYLDATGEYVEFTLTSPANAFVLRNA
VAENTTGTVSIYADGVSKGKFNVSSKFSYLYATPSTLGRLGYDNAPGAGLTAYWLYEDAQLMLDQVYPAGTKIKIQKDAG
DVSWIYVDLLETENVAPPQANPDPTKYVAVSASKSIDQALTEFRQDNTKKGIYIPAGEWTINSKIFLYGRATEIVGAGPW
YTKLVAPQSQSNTDVGFNISAAANGSTIRDLSAWGNYINRVDGPGKFIDGNGMQNVTVQNIWVEHFVCLYWGVNSSYNTF
KNNRIKNTFAAGINMTNGSSYNVIDNNYARGTGDDSFALFSATDSGGSYNVGNKYTNLTATNVRRAAAFAVYGGSDNLFQ
NLYGADTLTYPGITISSYSFGYNTLGFGDQDTVIDGATLDRTGGDFWTSVGADDKINEYQNFGAIWIYGGDRAIKNILIK
NVDINNPVYFGLMFQSMSPNNMVMQNIRVENVNINNPSRYGIKLVVRAEQGQGPAYGGASFTNVKVNNPGISAIYGEAQS
PNFTVTRVSGNNW
;
_entity_poly.pdbx_strand_id   A
#
loop_
_chem_comp.id
_chem_comp.type
_chem_comp.name
_chem_comp.formula
ACY non-polymer 'ACETIC ACID' 'C2 H4 O2'
CA non-polymer 'CALCIUM ION' 'Ca 2'
GLC D-saccharide, alpha linking alpha-D-glucopyranose 'C6 H12 O6'
SO4 non-polymer 'SULFATE ION' 'O4 S -2'
#
# COMPACT_ATOMS: atom_id res chain seq x y z
N GLY A 12 -11.78 0.84 -12.48
CA GLY A 12 -12.21 0.15 -11.27
C GLY A 12 -13.07 0.93 -10.30
N ARG A 13 -12.51 1.98 -9.69
CA ARG A 13 -11.16 2.46 -9.95
C ARG A 13 -10.08 1.55 -9.35
N GLY A 14 -8.85 1.74 -9.81
CA GLY A 14 -7.72 1.03 -9.26
C GLY A 14 -7.38 -0.23 -10.05
N ALA A 15 -6.65 -1.12 -9.36
CA ALA A 15 -6.17 -2.34 -10.00
C ALA A 15 -7.32 -3.31 -10.24
N ASN A 16 -7.23 -4.03 -11.36
CA ASN A 16 -8.15 -5.11 -11.71
C ASN A 16 -7.45 -6.41 -11.31
N MET A 17 -7.85 -6.96 -10.17
CA MET A 17 -7.25 -8.14 -9.57
CA MET A 17 -7.23 -8.16 -9.63
C MET A 17 -8.20 -9.33 -9.65
N PRO A 18 -7.69 -10.56 -9.65
CA PRO A 18 -8.59 -11.73 -9.72
C PRO A 18 -9.28 -12.04 -8.41
N PHE A 19 -8.87 -11.42 -7.31
CA PHE A 19 -9.54 -11.63 -6.04
C PHE A 19 -10.57 -10.54 -5.80
N THR A 20 -11.61 -10.90 -5.05
CA THR A 20 -12.65 -9.99 -4.61
C THR A 20 -12.44 -9.71 -3.13
N ILE A 21 -12.58 -8.45 -2.74
CA ILE A 21 -12.45 -8.04 -1.34
CA ILE A 21 -12.45 -8.05 -1.33
C ILE A 21 -13.84 -7.83 -0.75
N MET A 22 -14.12 -8.50 0.37
CA MET A 22 -15.41 -8.35 1.03
C MET A 22 -15.22 -7.97 2.47
N GLU A 23 -15.85 -6.88 2.90
CA GLU A 23 -15.71 -6.43 4.28
C GLU A 23 -16.58 -7.28 5.19
N ALA A 24 -16.01 -7.68 6.33
CA ALA A 24 -16.75 -8.53 7.27
C ALA A 24 -18.01 -7.83 7.77
N GLU A 25 -17.91 -6.52 8.02
CA GLU A 25 -18.95 -5.73 8.67
C GLU A 25 -20.08 -5.35 7.75
N SER A 26 -20.06 -5.79 6.49
CA SER A 26 -21.11 -5.41 5.55
C SER A 26 -22.47 -5.82 6.11
N THR A 27 -23.47 -4.95 5.91
CA THR A 27 -24.82 -5.27 6.37
C THR A 27 -25.41 -6.49 5.66
N SER A 28 -24.78 -6.96 4.60
CA SER A 28 -25.16 -8.18 3.91
C SER A 28 -24.71 -9.43 4.64
N ASN A 29 -23.90 -9.31 5.69
CA ASN A 29 -23.26 -10.45 6.33
C ASN A 29 -23.87 -10.70 7.70
N ALA A 30 -24.58 -11.82 7.85
CA ALA A 30 -25.11 -12.16 9.15
C ALA A 30 -23.98 -12.40 10.13
N THR A 31 -24.17 -11.95 11.36
CA THR A 31 -23.19 -12.21 12.40
C THR A 31 -23.89 -12.25 13.74
N ASN A 32 -23.37 -13.09 14.64
CA ASN A 32 -23.71 -13.03 16.05
C ASN A 32 -22.56 -12.46 16.87
N GLY A 33 -21.56 -11.86 16.23
CA GLY A 33 -20.45 -11.22 16.91
C GLY A 33 -20.66 -9.73 17.04
N THR A 34 -19.57 -9.03 17.32
CA THR A 34 -19.64 -7.61 17.70
C THR A 34 -19.05 -6.75 16.59
N LYS A 35 -19.90 -5.97 15.93
CA LYS A 35 -19.48 -5.10 14.84
C LYS A 35 -18.98 -3.78 15.42
N LEU A 36 -17.74 -3.42 15.10
CA LEU A 36 -17.13 -2.21 15.68
C LEU A 36 -17.67 -0.96 15.01
N THR A 37 -17.98 0.05 15.82
CA THR A 37 -18.29 1.35 15.26
CA THR A 37 -18.29 1.36 15.28
C THR A 37 -17.01 2.00 14.71
N PRO A 38 -17.08 2.64 13.55
CA PRO A 38 -15.86 3.18 12.94
C PRO A 38 -15.26 4.35 13.68
N ASN A 39 -13.94 4.43 13.63
CA ASN A 39 -13.20 5.63 14.00
C ASN A 39 -11.96 5.71 13.13
N PHE A 40 -11.17 6.78 13.31
CA PHE A 40 -9.97 7.00 12.53
C PHE A 40 -8.70 6.88 13.37
N LYS A 41 -8.75 6.09 14.45
CA LYS A 41 -7.65 6.05 15.42
C LYS A 41 -6.60 5.01 15.06
N PRO A 42 -5.33 5.39 14.87
CA PRO A 42 -4.28 4.38 14.82
C PRO A 42 -4.18 3.70 16.17
N GLY A 43 -3.70 2.45 16.16
CA GLY A 43 -3.60 1.73 17.41
C GLY A 43 -4.92 1.22 17.94
N ASP A 44 -5.95 1.19 17.11
CA ASP A 44 -7.30 0.81 17.50
C ASP A 44 -7.81 -0.23 16.52
N TYR A 45 -8.56 -1.22 17.02
CA TYR A 45 -9.03 -2.30 16.14
C TYR A 45 -10.04 -1.82 15.10
N ALA A 46 -10.78 -0.74 15.36
CA ALA A 46 -11.62 -0.18 14.31
C ALA A 46 -10.81 0.75 13.42
N GLY A 47 -10.06 1.67 14.03
CA GLY A 47 -9.33 2.66 13.26
C GLY A 47 -8.36 2.07 12.26
N GLU A 48 -7.81 0.89 12.56
CA GLU A 48 -6.84 0.25 11.68
C GLU A 48 -7.45 -0.75 10.71
N ALA A 49 -8.75 -0.98 10.80
CA ALA A 49 -9.41 -1.95 9.92
C ALA A 49 -9.73 -1.33 8.57
N SER A 50 -9.75 -2.18 7.54
CA SER A 50 -10.35 -1.79 6.27
C SER A 50 -11.80 -1.38 6.49
N GLY A 51 -12.19 -0.24 5.93
CA GLY A 51 -13.52 0.29 6.18
C GLY A 51 -13.69 0.85 7.57
N ARG A 52 -12.61 0.94 8.36
CA ARG A 52 -12.64 1.38 9.74
C ARG A 52 -13.55 0.54 10.62
N SER A 53 -13.78 -0.73 10.24
CA SER A 53 -14.58 -1.61 11.07
C SER A 53 -14.19 -3.06 10.83
N SER A 54 -14.46 -3.88 11.85
CA SER A 54 -14.33 -5.32 11.75
CA SER A 54 -14.30 -5.32 11.79
C SER A 54 -15.42 -5.95 12.60
N VAL A 55 -15.52 -7.27 12.53
CA VAL A 55 -16.45 -8.01 13.39
C VAL A 55 -15.62 -8.82 14.36
N TYR A 56 -15.80 -8.55 15.65
CA TYR A 56 -15.07 -9.20 16.73
C TYR A 56 -15.80 -10.47 17.13
N LEU A 57 -15.11 -11.61 17.01
CA LEU A 57 -15.63 -12.89 17.45
C LEU A 57 -14.94 -13.26 18.76
N ASP A 58 -15.73 -13.41 19.82
CA ASP A 58 -15.17 -13.48 21.16
C ASP A 58 -15.79 -14.59 21.99
N ALA A 59 -16.54 -15.50 21.38
CA ALA A 59 -17.04 -16.65 22.12
C ALA A 59 -17.17 -17.81 21.14
N THR A 60 -17.08 -19.03 21.65
CA THR A 60 -17.28 -20.20 20.81
C THR A 60 -18.65 -20.13 20.15
N GLY A 61 -18.67 -20.37 18.84
CA GLY A 61 -19.89 -20.28 18.07
C GLY A 61 -20.14 -18.95 17.40
N GLU A 62 -19.35 -17.91 17.72
CA GLU A 62 -19.52 -16.64 17.05
C GLU A 62 -18.94 -16.71 15.64
N TYR A 63 -19.64 -16.08 14.70
CA TYR A 63 -19.30 -16.22 13.28
C TYR A 63 -19.61 -14.91 12.58
N VAL A 64 -19.05 -14.77 11.38
CA VAL A 64 -19.53 -13.81 10.40
C VAL A 64 -19.70 -14.55 9.08
N GLU A 65 -20.83 -14.33 8.42
CA GLU A 65 -21.19 -15.10 7.23
C GLU A 65 -21.05 -14.21 6.00
N PHE A 66 -20.10 -14.56 5.13
CA PHE A 66 -19.93 -13.91 3.84
C PHE A 66 -20.70 -14.68 2.78
N THR A 67 -20.99 -14.00 1.66
CA THR A 67 -21.59 -14.63 0.50
C THR A 67 -20.71 -14.36 -0.71
N LEU A 68 -20.25 -15.42 -1.38
CA LEU A 68 -19.39 -15.21 -2.53
C LEU A 68 -20.15 -14.49 -3.65
N THR A 69 -19.47 -13.53 -4.27
CA THR A 69 -19.98 -12.88 -5.47
C THR A 69 -19.27 -13.34 -6.74
N SER A 70 -18.25 -14.17 -6.61
CA SER A 70 -17.57 -14.85 -7.70
C SER A 70 -17.10 -16.20 -7.18
N PRO A 71 -16.84 -17.16 -8.05
CA PRO A 71 -16.38 -18.49 -7.57
C PRO A 71 -15.04 -18.36 -6.86
N ALA A 72 -14.80 -19.26 -5.91
CA ALA A 72 -13.55 -19.19 -5.15
C ALA A 72 -13.13 -20.55 -4.62
N ASN A 73 -11.82 -20.83 -4.71
CA ASN A 73 -11.20 -21.93 -4.00
C ASN A 73 -10.13 -21.47 -3.02
N ALA A 74 -9.91 -20.16 -2.90
CA ALA A 74 -8.80 -19.65 -2.08
C ALA A 74 -9.23 -18.38 -1.39
N PHE A 75 -8.63 -18.13 -0.23
CA PHE A 75 -9.15 -17.11 0.68
C PHE A 75 -8.00 -16.46 1.43
N VAL A 76 -8.12 -15.16 1.67
CA VAL A 76 -7.21 -14.44 2.57
C VAL A 76 -8.08 -13.73 3.62
N LEU A 77 -7.81 -14.03 4.89
CA LEU A 77 -8.55 -13.43 6.00
C LEU A 77 -7.66 -12.39 6.68
N ARG A 78 -8.02 -11.11 6.56
CA ARG A 78 -7.35 -10.07 7.33
C ARG A 78 -8.01 -10.00 8.69
N ASN A 79 -7.18 -10.10 9.74
CA ASN A 79 -7.67 -10.34 11.08
C ASN A 79 -6.69 -9.77 12.09
N ALA A 80 -7.16 -9.62 13.32
CA ALA A 80 -6.29 -9.28 14.44
C ALA A 80 -6.50 -10.29 15.55
N VAL A 81 -5.40 -10.82 16.09
CA VAL A 81 -5.43 -11.71 17.25
C VAL A 81 -4.52 -11.12 18.32
N ALA A 82 -4.49 -11.75 19.48
CA ALA A 82 -3.68 -11.25 20.59
C ALA A 82 -2.20 -11.24 20.23
N GLU A 83 -1.47 -10.32 20.84
CA GLU A 83 -0.02 -10.30 20.70
C GLU A 83 0.58 -11.65 21.13
N ASN A 84 1.65 -12.04 20.43
CA ASN A 84 2.41 -13.25 20.77
CA ASN A 84 2.41 -13.25 20.75
C ASN A 84 1.54 -14.50 20.78
N THR A 85 0.70 -14.64 19.76
CA THR A 85 -0.16 -15.81 19.69
CA THR A 85 -0.16 -15.81 19.69
C THR A 85 -0.23 -16.34 18.27
N THR A 86 -0.46 -17.64 18.18
CA THR A 86 -0.82 -18.32 16.95
CA THR A 86 -0.80 -18.34 16.95
C THR A 86 -1.99 -19.24 17.25
N GLY A 87 -2.76 -19.55 16.22
CA GLY A 87 -3.87 -20.45 16.41
C GLY A 87 -4.68 -20.57 15.15
N THR A 88 -5.95 -20.93 15.30
CA THR A 88 -6.82 -21.17 14.16
C THR A 88 -8.13 -20.39 14.31
N VAL A 89 -8.79 -20.21 13.17
CA VAL A 89 -10.21 -19.89 13.11
C VAL A 89 -10.79 -20.71 11.97
N SER A 90 -12.06 -21.05 12.07
CA SER A 90 -12.64 -22.05 11.19
C SER A 90 -13.38 -21.43 10.00
N ILE A 91 -13.38 -22.17 8.88
CA ILE A 91 -14.10 -21.75 7.68
C ILE A 91 -15.12 -22.82 7.32
N TYR A 92 -16.32 -22.38 6.99
CA TYR A 92 -17.44 -23.23 6.60
C TYR A 92 -17.95 -22.80 5.23
N ALA A 93 -18.42 -23.77 4.45
CA ALA A 93 -19.09 -23.52 3.17
C ALA A 93 -20.49 -24.10 3.27
N ASP A 94 -21.51 -23.24 3.11
CA ASP A 94 -22.91 -23.64 3.20
C ASP A 94 -23.18 -24.45 4.46
N GLY A 95 -22.57 -24.02 5.57
CA GLY A 95 -22.85 -24.62 6.86
C GLY A 95 -22.02 -25.83 7.22
N VAL A 96 -21.14 -26.28 6.33
CA VAL A 96 -20.31 -27.46 6.53
C VAL A 96 -18.88 -27.00 6.75
N SER A 97 -18.24 -27.49 7.82
CA SER A 97 -16.87 -27.07 8.09
C SER A 97 -15.94 -27.58 7.01
N LYS A 98 -15.01 -26.71 6.60
CA LYS A 98 -14.10 -27.02 5.49
C LYS A 98 -12.64 -26.85 5.82
N GLY A 99 -12.29 -26.20 6.92
CA GLY A 99 -10.89 -26.07 7.25
C GLY A 99 -10.65 -25.04 8.32
N LYS A 100 -9.37 -24.71 8.49
CA LYS A 100 -8.93 -23.77 9.52
C LYS A 100 -7.87 -22.87 8.93
N PHE A 101 -8.02 -21.56 9.13
CA PHE A 101 -6.96 -20.62 8.83
C PHE A 101 -5.91 -20.69 9.94
N ASN A 102 -4.66 -20.53 9.56
CA ASN A 102 -3.56 -20.34 10.51
C ASN A 102 -3.42 -18.84 10.74
N VAL A 103 -3.90 -18.38 11.90
CA VAL A 103 -3.86 -16.96 12.25
C VAL A 103 -2.74 -16.72 13.24
N SER A 104 -2.13 -15.54 13.16
CA SER A 104 -0.93 -15.27 13.94
C SER A 104 -0.69 -13.77 14.02
N SER A 105 -0.10 -13.35 15.13
CA SER A 105 0.39 -11.98 15.27
C SER A 105 1.90 -11.88 15.12
N LYS A 106 2.55 -12.89 14.52
CA LYS A 106 4.00 -12.86 14.35
C LYS A 106 4.48 -11.57 13.68
N PHE A 107 3.75 -11.09 12.67
CA PHE A 107 4.17 -9.95 11.87
C PHE A 107 3.47 -8.65 12.24
N SER A 108 2.51 -8.69 13.15
CA SER A 108 1.78 -7.50 13.59
C SER A 108 2.30 -7.03 14.95
N TYR A 109 1.71 -5.93 15.43
CA TYR A 109 2.04 -5.29 16.71
C TYR A 109 3.39 -4.60 16.68
N LEU A 110 3.39 -3.33 16.26
CA LEU A 110 4.59 -2.49 16.23
C LEU A 110 4.34 -1.35 17.22
N TYR A 111 5.35 -1.01 18.02
CA TYR A 111 5.14 -0.20 19.21
C TYR A 111 5.69 1.21 19.07
N ALA A 112 4.94 2.16 19.61
CA ALA A 112 5.34 3.58 19.63
C ALA A 112 4.52 4.26 20.72
N THR A 113 4.49 5.58 20.68
CA THR A 113 3.61 6.38 21.53
C THR A 113 2.97 7.45 20.68
N PRO A 114 1.89 8.08 21.15
CA PRO A 114 1.24 9.12 20.32
C PRO A 114 2.16 10.25 19.89
N SER A 115 3.21 10.55 20.67
CA SER A 115 4.13 11.61 20.30
C SER A 115 5.37 11.10 19.58
N THR A 116 5.45 9.79 19.31
CA THR A 116 6.59 9.23 18.60
C THR A 116 6.12 8.39 17.42
N LEU A 117 5.11 8.88 16.69
CA LEU A 117 4.65 8.15 15.50
C LEU A 117 5.73 8.07 14.43
N GLY A 118 6.76 8.90 14.52
CA GLY A 118 7.93 8.74 13.67
C GLY A 118 8.59 7.38 13.80
N ARG A 119 8.31 6.67 14.89
CA ARG A 119 8.84 5.33 15.10
C ARG A 119 7.91 4.23 14.58
N LEU A 120 6.74 4.58 14.04
CA LEU A 120 5.80 3.54 13.60
C LEU A 120 6.49 2.61 12.60
N GLY A 121 6.44 1.32 12.89
CA GLY A 121 7.00 0.28 12.05
C GLY A 121 8.40 -0.15 12.43
N TYR A 122 9.13 0.65 13.21
CA TYR A 122 10.52 0.37 13.50
C TYR A 122 10.74 -0.53 14.71
N ASP A 123 9.83 -0.54 15.67
CA ASP A 123 10.09 -1.12 16.99
C ASP A 123 9.10 -2.24 17.27
N ASN A 124 9.59 -3.48 17.29
CA ASN A 124 8.72 -4.65 17.43
CA ASN A 124 8.74 -4.65 17.43
C ASN A 124 8.49 -5.07 18.88
N ALA A 125 9.20 -4.47 19.85
CA ALA A 125 9.03 -5.03 21.19
C ALA A 125 8.11 -4.18 22.05
N PRO A 126 7.22 -4.81 22.82
CA PRO A 126 6.43 -4.05 23.80
C PRO A 126 7.31 -3.47 24.88
N GLY A 127 6.78 -2.50 25.60
CA GLY A 127 7.59 -1.86 26.61
C GLY A 127 6.78 -0.89 27.43
N ALA A 128 7.40 -0.44 28.52
CA ALA A 128 6.78 0.52 29.42
C ALA A 128 6.32 1.75 28.66
N GLY A 129 5.04 2.08 28.80
CA GLY A 129 4.46 3.27 28.21
C GLY A 129 4.20 3.19 26.71
N LEU A 130 4.43 2.05 26.08
CA LEU A 130 4.30 1.92 24.63
C LEU A 130 2.92 1.41 24.25
N THR A 131 2.38 1.95 23.16
CA THR A 131 1.12 1.53 22.59
C THR A 131 1.39 0.63 21.39
N ALA A 132 0.55 -0.39 21.21
CA ALA A 132 0.64 -1.25 20.04
C ALA A 132 -0.11 -0.64 18.85
N TYR A 133 0.54 -0.66 17.69
CA TYR A 133 -0.03 -0.22 16.42
C TYR A 133 0.15 -1.35 15.42
N TRP A 134 -0.39 -1.18 14.22
CA TRP A 134 -0.23 -2.15 13.14
C TRP A 134 -0.72 -3.54 13.58
N LEU A 135 -1.99 -3.57 13.95
CA LEU A 135 -2.58 -4.67 14.70
C LEU A 135 -3.06 -5.82 13.82
N TYR A 136 -3.34 -5.55 12.54
CA TYR A 136 -3.91 -6.54 11.64
C TYR A 136 -2.85 -7.31 10.88
N GLU A 137 -3.18 -8.55 10.55
CA GLU A 137 -2.35 -9.36 9.67
C GLU A 137 -3.25 -10.34 8.93
N ASP A 138 -2.64 -11.18 8.10
CA ASP A 138 -3.39 -11.97 7.13
C ASP A 138 -3.14 -13.46 7.31
N ALA A 139 -4.16 -14.25 6.98
CA ALA A 139 -4.03 -15.70 6.91
C ALA A 139 -4.51 -16.15 5.54
N GLN A 140 -3.75 -17.06 4.92
CA GLN A 140 -4.02 -17.52 3.56
C GLN A 140 -4.41 -19.00 3.58
N LEU A 141 -5.43 -19.36 2.80
CA LEU A 141 -5.94 -20.74 2.83
C LEU A 141 -6.53 -21.11 1.48
N MET A 142 -6.17 -22.27 0.96
CA MET A 142 -6.76 -22.83 -0.25
CA MET A 142 -6.79 -22.81 -0.24
C MET A 142 -7.59 -24.05 0.12
N LEU A 143 -8.79 -24.17 -0.45
CA LEU A 143 -9.67 -25.30 -0.25
C LEU A 143 -9.65 -26.19 -1.49
N ASP A 144 -10.02 -27.45 -1.32
CA ASP A 144 -9.92 -28.43 -2.39
C ASP A 144 -11.14 -28.46 -3.29
N GLN A 145 -11.90 -27.37 -3.35
CA GLN A 145 -13.05 -27.28 -4.25
C GLN A 145 -13.25 -25.82 -4.62
N VAL A 146 -13.71 -25.58 -5.84
CA VAL A 146 -14.15 -24.26 -6.26
C VAL A 146 -15.61 -24.13 -5.85
N TYR A 147 -15.90 -23.18 -4.97
CA TYR A 147 -17.28 -22.92 -4.54
C TYR A 147 -17.90 -21.83 -5.41
N PRO A 148 -19.15 -21.99 -5.85
CA PRO A 148 -19.73 -21.01 -6.78
C PRO A 148 -20.12 -19.71 -6.08
N ALA A 149 -20.30 -18.67 -6.89
CA ALA A 149 -20.90 -17.45 -6.38
C ALA A 149 -22.24 -17.81 -5.73
N GLY A 150 -22.54 -17.12 -4.63
CA GLY A 150 -23.71 -17.44 -3.82
C GLY A 150 -23.45 -18.38 -2.66
N THR A 151 -22.29 -19.05 -2.63
CA THR A 151 -21.96 -19.89 -1.48
C THR A 151 -21.83 -19.02 -0.24
N LYS A 152 -22.36 -19.52 0.89
CA LYS A 152 -22.17 -18.89 2.18
C LYS A 152 -20.83 -19.36 2.75
N ILE A 153 -19.89 -18.44 2.89
CA ILE A 153 -18.58 -18.73 3.48
C ILE A 153 -18.58 -18.10 4.87
N LYS A 154 -18.62 -18.95 5.89
CA LYS A 154 -18.74 -18.49 7.27
C LYS A 154 -17.38 -18.63 7.94
N ILE A 155 -16.94 -17.55 8.60
CA ILE A 155 -15.76 -17.59 9.45
C ILE A 155 -16.28 -17.72 10.86
N GLN A 156 -15.91 -18.79 11.56
CA GLN A 156 -16.52 -19.11 12.85
C GLN A 156 -15.46 -19.55 13.85
N LYS A 157 -15.62 -19.10 15.08
CA LYS A 157 -14.70 -19.42 16.16
C LYS A 157 -15.23 -20.64 16.88
N ASP A 158 -14.66 -21.81 16.60
CA ASP A 158 -15.10 -23.07 17.19
C ASP A 158 -14.22 -23.41 18.39
N ALA A 159 -14.60 -24.47 19.10
CA ALA A 159 -13.76 -24.96 20.19
C ALA A 159 -12.36 -25.26 19.66
N GLY A 160 -11.35 -24.81 20.38
CA GLY A 160 -9.98 -25.02 19.96
C GLY A 160 -9.39 -23.92 19.09
N ASP A 161 -10.22 -23.03 18.56
CA ASP A 161 -9.74 -21.87 17.83
C ASP A 161 -9.25 -20.81 18.82
N VAL A 162 -8.74 -19.69 18.30
CA VAL A 162 -8.17 -18.65 19.16
C VAL A 162 -9.24 -18.11 20.11
N SER A 163 -8.77 -17.54 21.23
CA SER A 163 -9.70 -17.03 22.23
CA SER A 163 -9.69 -17.02 22.23
CA SER A 163 -9.69 -17.02 22.23
C SER A 163 -10.54 -15.89 21.69
N TRP A 164 -10.00 -15.07 20.79
CA TRP A 164 -10.75 -13.97 20.18
C TRP A 164 -10.05 -13.59 18.88
N ILE A 165 -10.82 -12.99 17.99
CA ILE A 165 -10.30 -12.58 16.69
C ILE A 165 -11.16 -11.47 16.13
N TYR A 166 -10.54 -10.42 15.62
CA TYR A 166 -11.25 -9.40 14.85
C TYR A 166 -11.16 -9.78 13.39
N VAL A 167 -12.29 -9.94 12.73
CA VAL A 167 -12.34 -10.31 11.32
C VAL A 167 -12.63 -9.04 10.52
N ASP A 168 -11.65 -8.62 9.71
CA ASP A 168 -11.73 -7.33 9.02
C ASP A 168 -12.31 -7.47 7.62
N LEU A 169 -11.72 -8.33 6.80
CA LEU A 169 -12.17 -8.54 5.44
C LEU A 169 -11.75 -9.94 5.02
N LEU A 170 -12.32 -10.38 3.90
CA LEU A 170 -11.98 -11.64 3.26
C LEU A 170 -11.70 -11.39 1.80
N GLU A 171 -10.54 -11.83 1.32
CA GLU A 171 -10.29 -11.94 -0.12
C GLU A 171 -10.80 -13.30 -0.56
N THR A 172 -11.45 -13.35 -1.72
CA THR A 172 -11.82 -14.62 -2.33
C THR A 172 -11.26 -14.67 -3.75
N GLU A 173 -10.80 -15.85 -4.17
CA GLU A 173 -10.16 -15.98 -5.47
C GLU A 173 -10.39 -17.38 -6.00
N ASN A 174 -10.60 -17.48 -7.31
CA ASN A 174 -10.63 -18.77 -8.02
C ASN A 174 -9.26 -18.95 -8.68
N VAL A 175 -8.40 -19.71 -8.04
CA VAL A 175 -7.03 -19.87 -8.49
C VAL A 175 -6.95 -21.05 -9.46
N ALA A 176 -6.38 -20.80 -10.64
CA ALA A 176 -6.17 -21.85 -11.62
C ALA A 176 -5.18 -22.88 -11.08
N PRO A 177 -5.19 -24.08 -11.65
CA PRO A 177 -4.16 -25.08 -11.31
C PRO A 177 -2.77 -24.53 -11.59
N PRO A 178 -1.73 -25.08 -10.94
CA PRO A 178 -0.38 -24.55 -11.14
C PRO A 178 0.11 -24.71 -12.57
N GLN A 179 0.88 -23.71 -13.02
CA GLN A 179 1.47 -23.71 -14.35
C GLN A 179 2.79 -24.46 -14.33
N ALA A 180 2.97 -25.38 -15.29
CA ALA A 180 4.14 -26.23 -15.38
C ALA A 180 5.33 -25.46 -15.97
N ASN A 181 6.49 -26.11 -15.95
CA ASN A 181 7.66 -25.55 -16.62
C ASN A 181 7.30 -25.26 -18.08
N PRO A 182 7.46 -24.02 -18.54
CA PRO A 182 7.07 -23.72 -19.93
C PRO A 182 7.80 -24.57 -20.96
N ASP A 183 9.06 -24.92 -20.68
CA ASP A 183 9.84 -25.78 -21.57
C ASP A 183 11.04 -26.29 -20.81
N PRO A 184 11.03 -27.56 -20.40
CA PRO A 184 12.15 -28.12 -19.63
C PRO A 184 13.50 -28.00 -20.32
N THR A 185 13.55 -27.89 -21.65
CA THR A 185 14.85 -27.74 -22.31
C THR A 185 15.36 -26.31 -22.31
N LYS A 186 14.51 -25.34 -21.93
CA LYS A 186 14.90 -23.94 -21.93
C LYS A 186 14.89 -23.30 -20.55
N TYR A 187 14.18 -23.87 -19.59
CA TYR A 187 14.12 -23.34 -18.23
C TYR A 187 14.64 -24.42 -17.28
N VAL A 188 15.77 -24.14 -16.64
CA VAL A 188 16.33 -25.08 -15.67
C VAL A 188 15.43 -25.12 -14.44
N ALA A 189 14.97 -26.31 -14.07
CA ALA A 189 14.04 -26.42 -12.95
C ALA A 189 14.77 -26.45 -11.61
N VAL A 190 14.36 -25.57 -10.70
CA VAL A 190 14.65 -25.77 -9.30
C VAL A 190 13.94 -27.04 -8.85
N SER A 191 14.55 -27.76 -7.91
CA SER A 191 14.00 -29.02 -7.45
C SER A 191 14.42 -29.24 -5.99
N ALA A 192 13.94 -30.34 -5.42
CA ALA A 192 14.31 -30.68 -4.05
C ALA A 192 15.82 -30.76 -3.85
N SER A 193 16.59 -31.04 -4.90
CA SER A 193 18.05 -31.14 -4.75
C SER A 193 18.81 -30.14 -5.60
N LYS A 194 18.14 -29.22 -6.29
CA LYS A 194 18.81 -28.20 -7.08
C LYS A 194 18.27 -26.84 -6.65
N SER A 195 19.13 -26.05 -6.01
CA SER A 195 18.69 -24.78 -5.46
C SER A 195 18.49 -23.75 -6.57
N ILE A 196 17.88 -22.62 -6.19
CA ILE A 196 17.74 -21.49 -7.11
C ILE A 196 19.10 -21.05 -7.64
N ASP A 197 20.09 -20.90 -6.74
CA ASP A 197 21.43 -20.51 -7.19
C ASP A 197 22.03 -21.53 -8.15
N GLN A 198 21.83 -22.83 -7.87
CA GLN A 198 22.39 -23.87 -8.75
C GLN A 198 21.70 -23.85 -10.11
N ALA A 199 20.39 -23.66 -10.13
CA ALA A 199 19.68 -23.57 -11.41
C ALA A 199 20.16 -22.37 -12.21
N LEU A 200 20.40 -21.24 -11.54
CA LEU A 200 20.88 -20.05 -12.23
C LEU A 200 22.29 -20.24 -12.78
N THR A 201 23.15 -20.94 -12.05
CA THR A 201 24.48 -21.24 -12.58
C THR A 201 24.39 -22.09 -13.85
N GLU A 202 23.54 -23.12 -13.82
CA GLU A 202 23.34 -23.93 -15.01
C GLU A 202 22.79 -23.09 -16.16
N PHE A 203 21.88 -22.17 -15.86
CA PHE A 203 21.37 -21.28 -16.89
C PHE A 203 22.48 -20.40 -17.48
N ARG A 204 23.29 -19.79 -16.61
CA ARG A 204 24.32 -18.86 -17.10
C ARG A 204 25.29 -19.57 -18.03
N GLN A 205 25.63 -20.81 -17.71
CA GLN A 205 26.67 -21.54 -18.44
C GLN A 205 26.16 -22.26 -19.68
N ASP A 206 24.88 -22.15 -20.00
CA ASP A 206 24.30 -22.81 -21.17
C ASP A 206 23.46 -21.80 -21.95
N ASN A 207 24.01 -21.34 -23.06
CA ASN A 207 23.41 -20.30 -23.90
C ASN A 207 22.04 -20.66 -24.43
N THR A 208 21.69 -21.95 -24.47
CA THR A 208 20.38 -22.34 -24.96
C THR A 208 19.29 -22.17 -23.91
N LYS A 209 19.63 -21.84 -22.67
CA LYS A 209 18.62 -21.68 -21.63
C LYS A 209 18.10 -20.25 -21.62
N LYS A 210 16.79 -20.11 -21.38
CA LYS A 210 16.16 -18.80 -21.23
C LYS A 210 16.10 -18.35 -19.78
N GLY A 211 16.18 -19.28 -18.83
CA GLY A 211 16.06 -18.91 -17.43
C GLY A 211 15.87 -20.13 -16.56
N ILE A 212 15.14 -19.93 -15.47
CA ILE A 212 14.85 -21.00 -14.52
C ILE A 212 13.35 -21.05 -14.26
N TYR A 213 12.89 -22.25 -13.88
CA TYR A 213 11.52 -22.48 -13.47
C TYR A 213 11.54 -22.91 -12.02
N ILE A 214 10.69 -22.29 -11.20
CA ILE A 214 10.58 -22.63 -9.79
C ILE A 214 9.22 -23.28 -9.56
N PRO A 215 9.18 -24.58 -9.28
CA PRO A 215 7.90 -25.29 -9.23
C PRO A 215 7.08 -24.86 -8.02
N ALA A 216 5.85 -25.38 -7.98
CA ALA A 216 5.04 -25.25 -6.77
C ALA A 216 5.81 -25.77 -5.57
N GLY A 217 5.68 -25.08 -4.45
CA GLY A 217 6.33 -25.52 -3.24
C GLY A 217 6.84 -24.36 -2.41
N GLU A 218 7.54 -24.65 -1.33
CA GLU A 218 8.21 -23.65 -0.52
C GLU A 218 9.71 -23.81 -0.70
N TRP A 219 10.37 -22.73 -1.08
CA TRP A 219 11.78 -22.76 -1.46
C TRP A 219 12.51 -21.71 -0.65
N THR A 220 13.52 -22.14 0.11
CA THR A 220 14.22 -21.20 0.98
C THR A 220 14.97 -20.18 0.13
N ILE A 221 14.79 -18.91 0.46
CA ILE A 221 15.68 -17.85 0.01
C ILE A 221 16.38 -17.30 1.25
N ASN A 222 17.62 -17.74 1.47
CA ASN A 222 18.38 -17.30 2.63
C ASN A 222 19.51 -16.36 2.26
N SER A 223 19.46 -15.79 1.05
CA SER A 223 20.50 -14.91 0.57
C SER A 223 19.90 -13.98 -0.45
N LYS A 224 20.69 -12.98 -0.84
CA LYS A 224 20.41 -12.21 -2.04
C LYS A 224 20.91 -13.00 -3.25
N ILE A 225 20.00 -13.28 -4.17
CA ILE A 225 20.29 -14.08 -5.35
C ILE A 225 20.60 -13.14 -6.51
N PHE A 226 21.83 -13.20 -7.00
CA PHE A 226 22.30 -12.24 -8.00
C PHE A 226 22.02 -12.74 -9.42
N LEU A 227 21.47 -11.86 -10.23
CA LEU A 227 21.21 -12.13 -11.64
C LEU A 227 22.24 -11.34 -12.44
N TYR A 228 23.00 -12.06 -13.25
CA TYR A 228 24.07 -11.47 -14.04
C TYR A 228 24.29 -12.38 -15.25
N GLY A 229 25.33 -12.08 -16.03
CA GLY A 229 25.58 -12.82 -17.25
C GLY A 229 24.78 -12.26 -18.41
N ARG A 230 23.46 -12.41 -18.36
CA ARG A 230 22.57 -11.92 -19.42
C ARG A 230 21.16 -11.85 -18.86
N ALA A 231 20.26 -11.28 -19.66
CA ALA A 231 18.85 -11.22 -19.29
C ALA A 231 18.36 -12.61 -18.93
N THR A 232 17.65 -12.70 -17.81
CA THR A 232 17.25 -13.96 -17.21
C THR A 232 15.74 -13.96 -16.99
N GLU A 233 15.08 -15.07 -17.29
CA GLU A 233 13.68 -15.25 -16.94
C GLU A 233 13.61 -16.14 -15.70
N ILE A 234 12.86 -15.70 -14.69
CA ILE A 234 12.56 -16.50 -13.52
C ILE A 234 11.04 -16.67 -13.49
N VAL A 235 10.58 -17.91 -13.64
CA VAL A 235 9.16 -18.21 -13.85
C VAL A 235 8.72 -19.21 -12.80
N GLY A 236 7.67 -18.88 -12.06
CA GLY A 236 7.06 -19.79 -11.12
C GLY A 236 5.80 -20.43 -11.68
N ALA A 237 5.09 -21.13 -10.78
CA ALA A 237 3.86 -21.83 -11.11
C ALA A 237 2.61 -21.01 -10.85
N GLY A 238 2.78 -19.79 -10.35
CA GLY A 238 1.69 -18.96 -9.89
C GLY A 238 1.94 -18.58 -8.45
N PRO A 239 1.50 -17.37 -8.04
CA PRO A 239 1.85 -16.89 -6.69
C PRO A 239 1.24 -17.69 -5.55
N TRP A 240 0.10 -18.34 -5.76
CA TRP A 240 -0.44 -19.22 -4.72
C TRP A 240 0.34 -20.52 -4.59
N TYR A 241 1.21 -20.84 -5.54
CA TYR A 241 1.86 -22.15 -5.59
C TYR A 241 3.37 -22.08 -5.35
N THR A 242 4.09 -21.23 -6.06
CA THR A 242 5.54 -21.10 -5.89
C THR A 242 5.77 -20.05 -4.80
N LYS A 243 6.31 -20.49 -3.66
CA LYS A 243 6.54 -19.61 -2.52
C LYS A 243 8.03 -19.59 -2.21
N LEU A 244 8.65 -18.42 -2.36
CA LEU A 244 10.02 -18.21 -1.93
C LEU A 244 9.97 -17.71 -0.50
N VAL A 245 10.65 -18.42 0.40
CA VAL A 245 10.43 -18.25 1.84
C VAL A 245 11.74 -17.88 2.51
N ALA A 246 11.80 -16.69 3.11
CA ALA A 246 12.93 -16.34 3.96
C ALA A 246 12.90 -17.22 5.20
N PRO A 247 14.06 -17.57 5.77
CA PRO A 247 14.07 -18.47 6.93
C PRO A 247 13.24 -17.92 8.07
N GLN A 248 12.14 -18.60 8.39
CA GLN A 248 11.16 -18.01 9.30
C GLN A 248 11.57 -18.08 10.76
N SER A 249 12.59 -18.87 11.09
CA SER A 249 13.14 -18.82 12.44
C SER A 249 14.17 -17.72 12.62
N GLN A 250 14.50 -17.00 11.56
CA GLN A 250 15.31 -15.79 11.62
C GLN A 250 14.39 -14.58 11.45
N SER A 251 14.91 -13.40 11.75
CA SER A 251 14.15 -12.18 11.57
CA SER A 251 14.17 -12.16 11.61
C SER A 251 14.98 -11.15 10.80
N ASN A 252 14.30 -10.43 9.90
CA ASN A 252 14.88 -9.28 9.19
C ASN A 252 16.11 -9.66 8.36
N THR A 253 16.05 -10.77 7.63
CA THR A 253 17.15 -11.19 6.76
CA THR A 253 17.17 -11.13 6.77
C THR A 253 16.95 -10.58 5.38
N ASP A 254 17.99 -9.96 4.82
CA ASP A 254 17.95 -9.28 3.54
C ASP A 254 18.12 -10.35 2.45
N VAL A 255 17.00 -10.81 1.89
CA VAL A 255 17.02 -11.91 0.94
C VAL A 255 16.14 -11.53 -0.24
N GLY A 256 16.32 -12.25 -1.35
CA GLY A 256 15.57 -11.96 -2.54
C GLY A 256 16.45 -11.97 -3.76
N PHE A 257 16.25 -11.02 -4.68
CA PHE A 257 17.04 -10.95 -5.90
C PHE A 257 17.75 -9.60 -5.97
N ASN A 258 18.90 -9.61 -6.64
CA ASN A 258 19.63 -8.40 -6.93
C ASN A 258 20.09 -8.49 -8.39
N ILE A 259 19.59 -7.58 -9.21
CA ILE A 259 19.75 -7.65 -10.66
C ILE A 259 20.90 -6.74 -11.07
N SER A 260 22.02 -7.32 -11.48
CA SER A 260 23.15 -6.57 -11.98
C SER A 260 22.88 -6.09 -13.41
N ALA A 261 23.70 -5.11 -13.85
CA ALA A 261 23.47 -4.49 -15.15
C ALA A 261 23.45 -5.52 -16.28
N ALA A 262 24.31 -6.53 -16.20
CA ALA A 262 24.36 -7.56 -17.23
C ALA A 262 23.02 -8.26 -17.41
N ALA A 263 22.16 -8.24 -16.38
CA ALA A 263 20.85 -8.89 -16.42
C ALA A 263 19.72 -7.91 -16.64
N ASN A 264 20.02 -6.70 -17.10
CA ASN A 264 18.95 -5.84 -17.60
C ASN A 264 18.15 -6.62 -18.64
N GLY A 265 16.84 -6.36 -18.69
CA GLY A 265 15.97 -7.10 -19.58
C GLY A 265 15.39 -8.38 -18.98
N SER A 266 15.70 -8.69 -17.73
CA SER A 266 15.20 -9.88 -17.08
C SER A 266 13.71 -9.78 -16.78
N THR A 267 13.11 -10.94 -16.49
CA THR A 267 11.72 -11.05 -16.11
C THR A 267 11.62 -11.94 -14.88
N ILE A 268 10.88 -11.51 -13.87
CA ILE A 268 10.55 -12.33 -12.72
C ILE A 268 9.04 -12.39 -12.64
N ARG A 269 8.47 -13.60 -12.68
CA ARG A 269 7.02 -13.67 -12.74
C ARG A 269 6.43 -14.92 -12.09
N ASP A 270 5.17 -14.78 -11.66
CA ASP A 270 4.30 -15.90 -11.33
C ASP A 270 4.75 -16.66 -10.07
N LEU A 271 5.01 -15.91 -9.00
CA LEU A 271 5.48 -16.52 -7.77
C LEU A 271 5.19 -15.59 -6.62
N SER A 272 5.38 -16.09 -5.41
CA SER A 272 5.26 -15.27 -4.22
C SER A 272 6.56 -15.32 -3.42
N ALA A 273 6.76 -14.28 -2.60
CA ALA A 273 7.92 -14.19 -1.73
C ALA A 273 7.45 -13.77 -0.34
N TRP A 274 7.83 -14.57 0.64
CA TRP A 274 7.38 -14.45 2.02
C TRP A 274 8.60 -14.12 2.87
N GLY A 275 8.77 -12.84 3.18
CA GLY A 275 9.91 -12.39 3.93
C GLY A 275 9.79 -12.71 5.40
N ASN A 276 10.86 -12.39 6.14
CA ASN A 276 10.87 -12.61 7.58
C ASN A 276 11.10 -11.32 8.36
N TYR A 277 10.88 -10.16 7.74
CA TYR A 277 10.97 -8.92 8.48
C TYR A 277 9.80 -8.82 9.45
N ILE A 278 10.12 -8.40 10.67
CA ILE A 278 9.12 -8.10 11.70
C ILE A 278 9.13 -6.64 12.10
N ASN A 279 10.01 -5.85 11.50
CA ASN A 279 10.02 -4.41 11.69
C ASN A 279 10.78 -3.79 10.53
N ARG A 280 10.70 -2.48 10.43
CA ARG A 280 11.39 -1.75 9.39
C ARG A 280 12.87 -1.63 9.71
N VAL A 281 13.70 -1.78 8.67
CA VAL A 281 15.12 -1.49 8.73
C VAL A 281 15.45 -0.70 7.48
N ASP A 282 16.18 0.40 7.63
CA ASP A 282 16.47 1.29 6.52
C ASP A 282 17.84 0.96 5.94
N GLY A 283 17.85 0.50 4.70
CA GLY A 283 19.04 0.05 4.02
C GLY A 283 18.76 -1.26 3.34
N PRO A 284 18.86 -2.36 4.08
CA PRO A 284 18.47 -3.67 3.56
C PRO A 284 16.96 -3.79 3.51
N GLY A 285 16.49 -4.88 2.91
CA GLY A 285 15.10 -5.27 3.04
C GLY A 285 14.22 -5.11 1.82
N LYS A 286 14.77 -4.76 0.66
CA LYS A 286 13.97 -4.74 -0.55
C LYS A 286 14.01 -6.12 -1.19
N PHE A 287 12.85 -6.66 -1.54
CA PHE A 287 12.83 -8.00 -2.12
C PHE A 287 13.67 -8.06 -3.39
N ILE A 288 13.54 -7.04 -4.25
CA ILE A 288 14.35 -6.93 -5.46
C ILE A 288 15.19 -5.68 -5.33
N ASP A 289 16.51 -5.85 -5.46
CA ASP A 289 17.43 -4.74 -5.67
C ASP A 289 17.78 -4.70 -7.15
N GLY A 290 17.87 -3.50 -7.69
CA GLY A 290 18.25 -3.36 -9.09
C GLY A 290 18.61 -1.93 -9.40
N ASN A 291 19.68 -1.45 -8.77
CA ASN A 291 20.06 -0.05 -8.94
C ASN A 291 20.44 0.21 -10.38
N GLY A 292 19.79 1.21 -10.98
CA GLY A 292 20.02 1.53 -12.37
C GLY A 292 19.46 0.56 -13.37
N MET A 293 18.66 -0.42 -12.94
CA MET A 293 18.22 -1.46 -13.87
C MET A 293 17.34 -0.90 -14.98
N GLN A 294 17.38 -1.58 -16.13
CA GLN A 294 16.65 -1.17 -17.32
C GLN A 294 15.91 -2.36 -17.89
N ASN A 295 14.71 -2.12 -18.42
CA ASN A 295 13.98 -3.09 -19.23
C ASN A 295 13.61 -4.36 -18.46
N VAL A 296 13.50 -4.28 -17.14
CA VAL A 296 13.16 -5.44 -16.31
C VAL A 296 11.65 -5.49 -16.11
N THR A 297 11.09 -6.70 -16.15
CA THR A 297 9.66 -6.91 -15.94
C THR A 297 9.49 -7.75 -14.68
N VAL A 298 8.63 -7.26 -13.77
CA VAL A 298 8.25 -7.96 -12.56
C VAL A 298 6.73 -8.08 -12.62
N GLN A 299 6.24 -9.31 -12.77
CA GLN A 299 4.84 -9.49 -13.14
C GLN A 299 4.18 -10.61 -12.37
N ASN A 300 2.97 -10.34 -11.85
CA ASN A 300 2.19 -11.38 -11.16
C ASN A 300 2.98 -12.02 -10.02
N ILE A 301 3.66 -11.20 -9.23
CA ILE A 301 4.28 -11.68 -8.00
C ILE A 301 3.54 -11.09 -6.80
N TRP A 302 3.58 -11.84 -5.69
CA TRP A 302 2.91 -11.50 -4.45
C TRP A 302 3.99 -11.51 -3.38
N VAL A 303 4.24 -10.35 -2.77
CA VAL A 303 5.34 -10.21 -1.82
CA VAL A 303 5.36 -10.18 -1.83
C VAL A 303 4.83 -9.63 -0.52
N GLU A 304 5.29 -10.19 0.60
CA GLU A 304 4.93 -9.76 1.93
C GLU A 304 6.13 -9.80 2.87
N HIS A 305 6.09 -8.93 3.88
CA HIS A 305 7.03 -9.01 5.01
C HIS A 305 8.47 -8.76 4.59
N PHE A 306 8.62 -7.87 3.61
CA PHE A 306 9.88 -7.19 3.31
C PHE A 306 9.72 -5.73 3.71
N VAL A 307 10.83 -5.00 3.67
CA VAL A 307 10.75 -3.55 3.87
C VAL A 307 10.07 -2.91 2.67
N CYS A 308 10.50 -3.27 1.45
CA CYS A 308 9.85 -2.81 0.23
C CYS A 308 9.85 -3.94 -0.79
N LEU A 309 8.99 -3.80 -1.82
CA LEU A 309 9.17 -4.61 -3.01
C LEU A 309 10.38 -4.13 -3.81
N TYR A 310 10.43 -2.84 -4.13
CA TYR A 310 11.48 -2.32 -5.00
C TYR A 310 11.65 -0.83 -4.74
N TRP A 311 12.91 -0.38 -4.75
CA TRP A 311 13.29 1.01 -4.54
C TRP A 311 14.26 1.35 -5.65
N GLY A 312 13.73 1.91 -6.74
CA GLY A 312 14.55 2.17 -7.91
C GLY A 312 15.41 3.39 -7.73
N VAL A 313 16.62 3.33 -8.31
CA VAL A 313 17.59 4.43 -8.28
C VAL A 313 18.11 4.56 -9.72
N ASN A 314 17.68 5.62 -10.40
CA ASN A 314 17.99 5.79 -11.83
C ASN A 314 17.66 4.54 -12.63
N SER A 315 16.48 3.98 -12.35
CA SER A 315 16.01 2.75 -12.97
C SER A 315 14.91 3.13 -13.96
N SER A 316 15.09 2.73 -15.22
CA SER A 316 14.24 3.22 -16.29
C SER A 316 13.74 2.10 -17.19
N TYR A 317 12.59 2.35 -17.82
CA TYR A 317 12.01 1.45 -18.81
C TYR A 317 11.64 0.10 -18.23
N ASN A 318 11.32 0.06 -16.94
CA ASN A 318 10.92 -1.18 -16.28
C ASN A 318 9.42 -1.28 -16.20
N THR A 319 8.94 -2.50 -15.98
CA THR A 319 7.51 -2.78 -15.93
C THR A 319 7.23 -3.59 -14.67
N PHE A 320 6.39 -3.04 -13.80
CA PHE A 320 5.85 -3.76 -12.64
C PHE A 320 4.36 -3.88 -12.89
N LYS A 321 3.87 -5.09 -13.11
CA LYS A 321 2.49 -5.29 -13.54
C LYS A 321 1.87 -6.47 -12.82
N ASN A 322 0.61 -6.31 -12.41
CA ASN A 322 -0.21 -7.40 -11.86
C ASN A 322 0.31 -7.94 -10.53
N ASN A 323 1.04 -7.13 -9.78
CA ASN A 323 1.66 -7.59 -8.54
C ASN A 323 0.77 -7.29 -7.34
N ARG A 324 1.03 -8.01 -6.25
CA ARG A 324 0.38 -7.81 -4.96
C ARG A 324 1.47 -7.53 -3.95
N ILE A 325 1.38 -6.39 -3.28
CA ILE A 325 2.37 -5.97 -2.29
C ILE A 325 1.61 -5.80 -0.99
N LYS A 326 1.84 -6.70 -0.03
CA LYS A 326 1.04 -6.67 1.18
C LYS A 326 1.92 -6.75 2.43
N ASN A 327 1.55 -5.95 3.44
CA ASN A 327 2.13 -6.08 4.77
C ASN A 327 3.66 -5.93 4.73
N THR A 328 4.09 -4.81 4.18
CA THR A 328 5.50 -4.45 4.16
C THR A 328 5.80 -3.43 5.25
N PHE A 329 7.08 -3.26 5.54
CA PHE A 329 7.45 -2.40 6.66
C PHE A 329 7.85 -0.99 6.25
N ALA A 330 7.97 -0.74 4.95
CA ALA A 330 8.10 0.63 4.43
C ALA A 330 7.39 0.71 3.09
N ALA A 331 7.90 1.52 2.16
CA ALA A 331 7.22 1.77 0.90
C ALA A 331 7.05 0.50 0.09
N GLY A 332 6.01 0.47 -0.74
CA GLY A 332 5.80 -0.68 -1.62
C GLY A 332 6.72 -0.65 -2.83
N ILE A 333 6.48 0.30 -3.73
CA ILE A 333 7.37 0.57 -4.86
C ILE A 333 7.69 2.05 -4.84
N ASN A 334 8.98 2.39 -4.87
CA ASN A 334 9.43 3.75 -5.01
C ASN A 334 10.41 3.78 -6.17
N MET A 335 10.36 4.83 -6.98
CA MET A 335 11.28 5.01 -8.10
C MET A 335 11.92 6.37 -7.91
N THR A 336 13.24 6.40 -7.77
CA THR A 336 13.92 7.61 -7.33
C THR A 336 15.05 7.99 -8.29
N ASN A 337 15.51 9.23 -8.14
CA ASN A 337 16.85 9.64 -8.59
C ASN A 337 17.10 9.35 -10.07
N GLY A 338 16.20 9.87 -10.92
CA GLY A 338 16.35 9.75 -12.35
C GLY A 338 15.48 8.70 -13.00
N SER A 339 14.82 7.85 -12.21
CA SER A 339 14.01 6.78 -12.76
C SER A 339 12.93 7.31 -13.69
N SER A 340 12.95 6.85 -14.95
CA SER A 340 12.11 7.42 -15.99
C SER A 340 11.50 6.34 -16.87
N TYR A 341 10.37 6.67 -17.48
CA TYR A 341 9.74 5.82 -18.49
C TYR A 341 9.38 4.43 -17.97
N ASN A 342 9.06 4.35 -16.68
CA ASN A 342 8.64 3.09 -16.09
C ASN A 342 7.13 2.93 -16.20
N VAL A 343 6.69 1.67 -16.27
CA VAL A 343 5.29 1.30 -16.32
C VAL A 343 4.98 0.57 -15.02
N ILE A 344 4.25 1.24 -14.13
CA ILE A 344 3.80 0.66 -12.87
C ILE A 344 2.29 0.51 -13.00
N ASP A 345 1.84 -0.67 -13.44
CA ASP A 345 0.47 -0.84 -13.91
C ASP A 345 -0.21 -2.01 -13.23
N ASN A 346 -1.42 -1.78 -12.73
CA ASN A 346 -2.29 -2.86 -12.29
C ASN A 346 -1.70 -3.64 -11.13
N ASN A 347 -1.25 -2.89 -10.12
CA ASN A 347 -0.70 -3.46 -8.90
C ASN A 347 -1.60 -3.12 -7.72
N TYR A 348 -1.67 -4.04 -6.77
CA TYR A 348 -2.49 -3.90 -5.58
C TYR A 348 -1.58 -3.91 -4.37
N ALA A 349 -1.73 -2.92 -3.50
CA ALA A 349 -0.98 -2.84 -2.26
C ALA A 349 -1.94 -2.72 -1.09
N ARG A 350 -1.69 -3.48 -0.04
CA ARG A 350 -2.44 -3.34 1.21
C ARG A 350 -1.47 -3.50 2.37
N GLY A 351 -1.51 -2.58 3.32
CA GLY A 351 -0.65 -2.70 4.48
C GLY A 351 0.81 -2.33 4.29
N THR A 352 1.12 -1.42 3.37
CA THR A 352 2.50 -0.96 3.32
C THR A 352 2.84 -0.14 4.58
N GLY A 353 4.14 0.03 4.83
CA GLY A 353 4.61 0.68 6.04
C GLY A 353 5.12 2.09 5.81
N ASP A 354 5.02 2.54 4.57
CA ASP A 354 5.30 3.92 4.15
C ASP A 354 4.57 4.08 2.81
N ASP A 355 4.86 5.16 2.08
CA ASP A 355 4.16 5.45 0.82
C ASP A 355 4.01 4.17 0.00
N SER A 356 2.78 3.83 -0.37
CA SER A 356 2.60 2.54 -1.06
C SER A 356 3.23 2.57 -2.44
N PHE A 357 2.92 3.58 -3.23
CA PHE A 357 3.51 3.79 -4.55
C PHE A 357 4.03 5.21 -4.56
N ALA A 358 5.32 5.37 -4.85
CA ALA A 358 5.97 6.67 -4.73
C ALA A 358 6.90 6.91 -5.91
N LEU A 359 7.10 8.20 -6.19
CA LEU A 359 8.04 8.66 -7.20
C LEU A 359 8.81 9.82 -6.58
N PHE A 360 10.12 9.67 -6.43
CA PHE A 360 10.93 10.73 -5.84
C PHE A 360 11.92 11.23 -6.88
N SER A 361 11.71 12.43 -7.37
CA SER A 361 12.54 13.00 -8.42
C SER A 361 13.72 13.74 -7.80
N ALA A 362 14.91 13.43 -8.29
CA ALA A 362 16.13 14.09 -7.84
C ALA A 362 17.17 13.96 -8.94
N THR A 363 18.17 14.83 -8.90
CA THR A 363 19.22 14.80 -9.91
C THR A 363 20.20 13.67 -9.62
N GLY A 367 21.32 13.87 -15.03
CA GLY A 367 19.88 13.76 -15.11
C GLY A 367 19.15 14.79 -14.27
N SER A 368 18.11 15.38 -14.85
CA SER A 368 17.38 16.48 -14.21
C SER A 368 16.20 15.98 -13.37
N TYR A 369 15.25 15.30 -14.01
CA TYR A 369 14.00 14.90 -13.37
C TYR A 369 13.71 13.44 -13.68
N ASN A 370 12.95 12.81 -12.78
CA ASN A 370 12.23 11.60 -13.15
C ASN A 370 11.12 12.00 -14.10
N VAL A 371 11.07 11.38 -15.29
CA VAL A 371 10.12 11.80 -16.32
C VAL A 371 9.48 10.60 -16.99
N GLY A 372 8.28 10.82 -17.51
CA GLY A 372 7.67 9.87 -18.41
C GLY A 372 7.15 8.60 -17.77
N ASN A 373 7.04 8.58 -16.45
CA ASN A 373 6.53 7.41 -15.75
C ASN A 373 5.01 7.36 -15.81
N LYS A 374 4.47 6.16 -15.79
CA LYS A 374 3.04 5.93 -15.84
C LYS A 374 2.68 4.99 -14.71
N TYR A 375 1.99 5.52 -13.70
CA TYR A 375 1.51 4.77 -12.54
C TYR A 375 0.01 4.65 -12.76
N THR A 376 -0.45 3.48 -13.23
CA THR A 376 -1.80 3.32 -13.75
C THR A 376 -2.48 2.12 -13.11
N ASN A 377 -3.79 2.26 -12.89
CA ASN A 377 -4.61 1.14 -12.41
C ASN A 377 -4.03 0.58 -11.11
N LEU A 378 -3.86 1.45 -10.13
CA LEU A 378 -3.19 1.08 -8.88
C LEU A 378 -4.17 1.18 -7.72
N THR A 379 -4.08 0.20 -6.81
CA THR A 379 -4.85 0.23 -5.58
C THR A 379 -3.89 0.18 -4.41
N ALA A 380 -4.11 1.07 -3.43
CA ALA A 380 -3.30 1.09 -2.21
C ALA A 380 -4.22 1.37 -1.04
N THR A 381 -4.36 0.39 -0.13
CA THR A 381 -5.29 0.51 0.98
C THR A 381 -4.60 0.11 2.27
N ASN A 382 -5.21 0.48 3.40
CA ASN A 382 -4.64 0.17 4.71
C ASN A 382 -3.17 0.58 4.77
N VAL A 383 -2.91 1.84 4.43
CA VAL A 383 -1.55 2.36 4.43
C VAL A 383 -1.17 2.63 5.89
N ARG A 384 -0.22 1.87 6.40
CA ARG A 384 0.03 1.86 7.83
C ARG A 384 0.84 3.07 8.30
N ARG A 385 1.45 3.81 7.38
CA ARG A 385 2.11 5.07 7.66
C ARG A 385 2.34 5.74 6.32
N ALA A 386 2.23 7.07 6.28
CA ALA A 386 2.44 7.86 5.07
C ALA A 386 1.30 7.67 4.05
N ALA A 387 1.56 7.93 2.77
CA ALA A 387 0.46 8.11 1.83
C ALA A 387 0.24 6.86 0.96
N ALA A 388 -0.97 6.76 0.41
CA ALA A 388 -1.22 5.72 -0.59
C ALA A 388 -0.39 5.96 -1.85
N PHE A 389 -0.33 7.21 -2.31
CA PHE A 389 0.40 7.59 -3.50
C PHE A 389 1.16 8.87 -3.19
N ALA A 390 2.42 8.94 -3.60
CA ALA A 390 3.22 10.11 -3.28
C ALA A 390 4.12 10.47 -4.45
N VAL A 391 4.11 11.74 -4.84
CA VAL A 391 4.97 12.22 -5.91
C VAL A 391 5.74 13.42 -5.39
N TYR A 392 7.07 13.32 -5.42
CA TYR A 392 7.98 14.34 -4.92
C TYR A 392 8.74 14.89 -6.12
N GLY A 393 8.25 16.02 -6.66
CA GLY A 393 8.86 16.62 -7.84
C GLY A 393 8.67 15.75 -9.08
N GLY A 394 9.42 16.10 -10.12
CA GLY A 394 9.39 15.36 -11.37
C GLY A 394 8.72 16.18 -12.45
N SER A 395 8.71 15.61 -13.65
CA SER A 395 8.09 16.27 -14.80
C SER A 395 7.51 15.21 -15.72
N ASP A 396 6.31 15.48 -16.24
CA ASP A 396 5.66 14.61 -17.21
C ASP A 396 5.47 13.18 -16.67
N ASN A 397 4.84 13.08 -15.50
CA ASN A 397 4.53 11.80 -14.89
C ASN A 397 3.02 11.71 -14.69
N LEU A 398 2.48 10.52 -14.94
CA LEU A 398 1.03 10.29 -14.94
C LEU A 398 0.67 9.29 -13.85
N PHE A 399 -0.35 9.61 -13.06
CA PHE A 399 -0.93 8.72 -12.06
C PHE A 399 -2.41 8.64 -12.41
N GLN A 400 -2.86 7.48 -12.90
CA GLN A 400 -4.16 7.39 -13.55
C GLN A 400 -4.91 6.15 -13.09
N ASN A 401 -6.20 6.32 -12.80
CA ASN A 401 -7.09 5.25 -12.33
C ASN A 401 -6.57 4.62 -11.04
N LEU A 402 -6.68 5.41 -9.97
CA LEU A 402 -6.15 5.05 -8.65
C LEU A 402 -7.30 4.81 -7.68
N TYR A 403 -7.09 3.85 -6.78
CA TYR A 403 -7.96 3.71 -5.61
C TYR A 403 -7.08 3.72 -4.38
N GLY A 404 -7.36 4.62 -3.46
CA GLY A 404 -6.66 4.66 -2.18
C GLY A 404 -7.65 4.73 -1.04
N ALA A 405 -7.31 4.06 0.06
CA ALA A 405 -8.25 4.04 1.18
C ALA A 405 -7.55 3.72 2.49
N ASP A 406 -8.11 4.28 3.57
CA ASP A 406 -7.79 3.88 4.94
C ASP A 406 -6.31 4.07 5.26
N THR A 407 -5.86 5.33 5.17
CA THR A 407 -4.53 5.71 5.61
C THR A 407 -4.53 5.98 7.12
N LEU A 408 -3.49 5.49 7.80
CA LEU A 408 -3.42 5.72 9.24
C LEU A 408 -2.97 7.12 9.61
N THR A 409 -2.03 7.73 8.86
CA THR A 409 -1.38 8.96 9.33
C THR A 409 -1.24 10.09 8.30
N TYR A 410 -1.70 9.92 7.06
CA TYR A 410 -1.23 10.87 6.05
C TYR A 410 -2.20 10.88 4.86
N PRO A 411 -1.96 11.69 3.83
CA PRO A 411 -2.93 11.80 2.72
C PRO A 411 -3.10 10.53 1.93
N GLY A 412 -4.21 10.49 1.19
CA GLY A 412 -4.32 9.55 0.09
C GLY A 412 -3.26 9.81 -0.98
N ILE A 413 -3.06 11.08 -1.35
CA ILE A 413 -2.07 11.49 -2.34
C ILE A 413 -1.27 12.66 -1.79
N THR A 414 0.04 12.50 -1.69
CA THR A 414 0.96 13.59 -1.36
C THR A 414 1.59 14.10 -2.65
N ILE A 415 1.52 15.40 -2.87
CA ILE A 415 2.15 16.07 -4.00
C ILE A 415 3.04 17.13 -3.39
N SER A 416 4.36 16.92 -3.40
CA SER A 416 5.27 17.69 -2.55
C SER A 416 6.51 18.12 -3.30
N SER A 417 6.89 19.39 -3.14
CA SER A 417 8.16 19.88 -3.65
C SER A 417 9.20 20.08 -2.56
N TYR A 418 9.08 19.37 -1.44
CA TYR A 418 10.10 19.42 -0.40
C TYR A 418 11.29 18.54 -0.79
N SER A 419 12.50 19.05 -0.56
CA SER A 419 13.71 18.35 -1.01
C SER A 419 14.16 17.24 -0.08
N PHE A 420 13.73 17.25 1.19
CA PHE A 420 14.22 16.33 2.21
C PHE A 420 15.74 16.36 2.36
N GLY A 421 16.36 17.46 1.95
CA GLY A 421 17.81 17.58 2.01
C GLY A 421 18.55 17.00 0.83
N TYR A 422 17.86 16.39 -0.11
CA TYR A 422 18.50 15.80 -1.28
C TYR A 422 18.62 16.84 -2.40
N ASN A 423 19.33 16.46 -3.47
CA ASN A 423 19.59 17.36 -4.58
C ASN A 423 18.47 17.21 -5.60
N THR A 424 17.53 18.15 -5.61
CA THR A 424 16.40 18.07 -6.51
C THR A 424 15.94 19.46 -6.93
N LEU A 425 15.38 19.53 -8.13
CA LEU A 425 14.84 20.77 -8.68
C LEU A 425 13.34 20.91 -8.44
N GLY A 426 12.71 19.96 -7.77
CA GLY A 426 11.26 20.04 -7.58
C GLY A 426 10.52 19.57 -8.82
N PHE A 427 9.37 20.20 -9.07
CA PHE A 427 8.59 19.87 -10.25
C PHE A 427 9.13 20.62 -11.46
N GLY A 428 8.99 20.01 -12.63
CA GLY A 428 9.51 20.55 -13.88
C GLY A 428 8.45 21.26 -14.70
N ASP A 429 8.70 21.34 -16.00
CA ASP A 429 7.90 22.18 -16.89
C ASP A 429 6.77 21.45 -17.59
N GLN A 430 6.63 20.14 -17.38
CA GLN A 430 5.52 19.39 -17.94
C GLN A 430 4.68 18.81 -16.80
N ASP A 431 3.39 18.66 -17.06
CA ASP A 431 2.43 18.34 -16.00
C ASP A 431 2.75 17.04 -15.28
N THR A 432 2.55 17.06 -13.97
CA THR A 432 2.35 15.87 -13.16
C THR A 432 0.84 15.74 -13.03
N VAL A 433 0.29 14.61 -13.49
CA VAL A 433 -1.14 14.47 -13.69
C VAL A 433 -1.66 13.38 -12.75
N ILE A 434 -2.69 13.72 -11.98
CA ILE A 434 -3.51 12.76 -11.27
C ILE A 434 -4.85 12.74 -11.98
N ASP A 435 -5.20 11.62 -12.61
CA ASP A 435 -6.38 11.56 -13.48
C ASP A 435 -7.18 10.31 -13.17
N GLY A 436 -8.31 10.47 -12.48
CA GLY A 436 -9.14 9.34 -12.15
C GLY A 436 -8.72 8.68 -10.87
N ALA A 437 -9.31 9.09 -9.75
CA ALA A 437 -8.91 8.54 -8.47
C ALA A 437 -10.10 8.54 -7.53
N THR A 438 -10.23 7.48 -6.74
CA THR A 438 -11.19 7.44 -5.64
C THR A 438 -10.39 7.28 -4.37
N LEU A 439 -10.64 8.15 -3.39
CA LEU A 439 -9.90 8.14 -2.13
C LEU A 439 -10.93 8.07 -1.01
N ASP A 440 -10.95 6.96 -0.28
CA ASP A 440 -11.94 6.70 0.76
C ASP A 440 -11.27 6.74 2.11
N ARG A 441 -11.74 7.64 2.98
CA ARG A 441 -11.26 7.66 4.37
C ARG A 441 -9.74 7.84 4.43
N THR A 442 -9.23 8.82 3.68
CA THR A 442 -7.81 9.14 3.66
C THR A 442 -7.51 10.44 4.39
N GLY A 443 -6.23 10.63 4.72
CA GLY A 443 -5.80 11.65 5.66
C GLY A 443 -5.41 11.04 6.99
N GLY A 444 -5.02 11.91 7.92
CA GLY A 444 -4.60 11.46 9.23
C GLY A 444 -3.78 12.51 9.94
N ASP A 445 -3.23 12.11 11.09
CA ASP A 445 -2.44 12.97 11.96
C ASP A 445 -0.96 12.59 11.87
N PHE A 446 -0.09 13.60 11.83
CA PHE A 446 1.36 13.37 11.87
C PHE A 446 2.04 14.68 12.23
N TRP A 447 3.33 14.58 12.59
CA TRP A 447 4.14 15.73 13.01
C TRP A 447 3.53 16.42 14.24
N THR A 448 3.90 17.68 14.46
CA THR A 448 3.40 18.46 15.59
C THR A 448 2.87 19.80 15.07
N SER A 449 1.97 20.40 15.85
CA SER A 449 1.31 21.65 15.48
C SER A 449 1.39 22.66 16.61
N VAL A 450 2.57 22.81 17.22
CA VAL A 450 2.74 23.78 18.29
C VAL A 450 2.57 25.17 17.72
N GLY A 451 1.68 25.96 18.32
CA GLY A 451 1.43 27.32 17.87
C GLY A 451 0.65 27.42 16.58
N ALA A 452 -0.06 26.36 16.20
CA ALA A 452 -0.75 26.32 14.92
C ALA A 452 -2.08 27.07 14.97
N ASP A 453 -2.48 27.58 13.81
CA ASP A 453 -3.84 28.02 13.56
C ASP A 453 -4.72 26.81 13.31
N ASP A 454 -6.03 26.97 13.52
CA ASP A 454 -7.00 25.93 13.21
C ASP A 454 -6.61 24.62 13.90
N LYS A 455 -6.38 24.72 15.22
CA LYS A 455 -5.79 23.63 15.98
C LYS A 455 -6.88 22.76 16.57
N ILE A 456 -6.77 21.45 16.37
CA ILE A 456 -7.73 20.50 16.90
C ILE A 456 -7.10 19.41 17.74
N ASN A 457 -5.78 19.23 17.67
CA ASN A 457 -5.07 18.22 18.44
C ASN A 457 -3.57 18.54 18.36
N GLU A 458 -2.75 17.65 18.89
CA GLU A 458 -1.33 17.90 19.00
C GLU A 458 -0.59 17.71 17.69
N TYR A 459 -1.27 17.32 16.61
CA TYR A 459 -0.61 16.97 15.38
C TYR A 459 -0.92 17.99 14.29
N GLN A 460 -0.16 17.90 13.21
CA GLN A 460 -0.64 18.43 11.95
C GLN A 460 -1.66 17.45 11.37
N ASN A 461 -2.57 17.99 10.56
CA ASN A 461 -3.77 17.26 10.14
C ASN A 461 -3.83 17.25 8.63
N PHE A 462 -3.93 16.07 8.03
CA PHE A 462 -3.70 15.91 6.61
C PHE A 462 -4.97 15.59 5.83
N GLY A 463 -5.16 16.30 4.72
CA GLY A 463 -6.28 16.07 3.83
C GLY A 463 -6.06 14.85 2.94
N ALA A 464 -7.11 14.53 2.18
CA ALA A 464 -7.03 13.40 1.25
C ALA A 464 -5.95 13.63 0.20
N ILE A 465 -5.82 14.86 -0.28
CA ILE A 465 -4.73 15.25 -1.17
C ILE A 465 -4.05 16.45 -0.55
N TRP A 466 -2.74 16.35 -0.38
CA TRP A 466 -1.91 17.41 0.17
C TRP A 466 -1.04 17.95 -0.95
N ILE A 467 -1.21 19.23 -1.25
CA ILE A 467 -0.39 19.94 -2.25
C ILE A 467 0.54 20.83 -1.44
N TYR A 468 1.81 20.43 -1.35
CA TYR A 468 2.77 21.06 -0.43
C TYR A 468 3.91 21.66 -1.25
N GLY A 469 3.97 22.99 -1.28
CA GLY A 469 5.12 23.67 -1.83
C GLY A 469 6.20 23.69 -0.76
N GLY A 470 7.32 23.05 -1.02
CA GLY A 470 8.40 22.97 -0.04
C GLY A 470 9.49 23.99 -0.32
N ASP A 471 10.71 23.52 -0.50
CA ASP A 471 11.83 24.40 -0.78
C ASP A 471 12.21 24.44 -2.25
N ARG A 472 11.49 23.71 -3.10
CA ARG A 472 11.77 23.66 -4.54
C ARG A 472 10.49 23.99 -5.31
N ALA A 473 10.66 24.16 -6.63
CA ALA A 473 9.57 24.61 -7.49
C ALA A 473 8.36 23.70 -7.38
N ILE A 474 7.19 24.31 -7.28
CA ILE A 474 5.90 23.62 -7.22
C ILE A 474 5.05 24.16 -8.35
N LYS A 475 4.90 23.37 -9.41
CA LYS A 475 4.29 23.88 -10.64
C LYS A 475 3.80 22.73 -11.48
N ASN A 476 2.82 23.03 -12.33
CA ASN A 476 2.35 22.11 -13.37
C ASN A 476 1.81 20.82 -12.76
N ILE A 477 0.73 20.99 -11.98
CA ILE A 477 0.04 19.92 -11.28
C ILE A 477 -1.40 19.94 -11.76
N LEU A 478 -1.88 18.83 -12.30
CA LEU A 478 -3.25 18.71 -12.77
C LEU A 478 -3.92 17.57 -12.02
N ILE A 479 -4.98 17.88 -11.27
CA ILE A 479 -5.73 16.90 -10.48
C ILE A 479 -7.13 16.86 -11.08
N LYS A 480 -7.50 15.74 -11.68
CA LYS A 480 -8.78 15.69 -12.35
C LYS A 480 -9.47 14.35 -12.17
N ASN A 481 -10.80 14.39 -12.14
CA ASN A 481 -11.65 13.20 -12.09
C ASN A 481 -11.42 12.40 -10.81
N VAL A 482 -11.63 13.06 -9.68
CA VAL A 482 -11.33 12.49 -8.37
C VAL A 482 -12.58 12.51 -7.51
N ASP A 483 -12.88 11.39 -6.87
CA ASP A 483 -13.91 11.32 -5.85
C ASP A 483 -13.25 11.08 -4.51
N ILE A 484 -13.51 11.98 -3.56
CA ILE A 484 -12.93 11.91 -2.22
C ILE A 484 -14.08 11.69 -1.26
N ASN A 485 -14.14 10.50 -0.68
CA ASN A 485 -15.26 10.10 0.15
C ASN A 485 -14.83 10.01 1.61
N ASN A 486 -15.53 10.72 2.48
CA ASN A 486 -15.32 10.66 3.91
CA ASN A 486 -15.33 10.66 3.91
C ASN A 486 -13.85 10.81 4.31
N PRO A 487 -13.15 11.81 3.79
CA PRO A 487 -11.77 12.03 4.24
C PRO A 487 -11.77 12.34 5.72
N VAL A 488 -10.67 11.97 6.40
CA VAL A 488 -10.60 12.16 7.85
C VAL A 488 -10.89 13.61 8.22
N TYR A 489 -10.30 14.55 7.49
CA TYR A 489 -10.40 15.97 7.81
C TYR A 489 -10.84 16.83 6.63
N PHE A 490 -10.14 16.73 5.49
CA PHE A 490 -10.31 17.66 4.38
C PHE A 490 -10.20 16.92 3.06
N GLY A 491 -10.77 17.49 2.01
CA GLY A 491 -10.60 16.97 0.68
C GLY A 491 -9.25 17.36 0.10
N LEU A 492 -9.02 18.66 -0.08
CA LEU A 492 -7.80 19.18 -0.68
C LEU A 492 -7.15 20.14 0.32
N MET A 493 -5.85 19.98 0.53
CA MET A 493 -5.13 20.77 1.52
C MET A 493 -3.91 21.37 0.83
N PHE A 494 -3.86 22.70 0.72
CA PHE A 494 -2.78 23.42 0.07
C PHE A 494 -1.93 24.11 1.12
N GLN A 495 -0.60 24.04 0.98
CA GLN A 495 0.29 24.58 2.00
C GLN A 495 1.63 24.98 1.38
N SER A 496 2.17 26.11 1.83
CA SER A 496 3.50 26.57 1.43
C SER A 496 4.42 26.59 2.64
N MET A 497 5.60 25.99 2.48
CA MET A 497 6.64 26.08 3.50
C MET A 497 7.20 27.49 3.57
N SER A 498 7.26 28.07 4.80
CA SER A 498 7.93 29.33 5.10
C SER A 498 9.36 29.03 5.54
N PRO A 499 10.32 29.92 5.23
CA PRO A 499 10.14 31.20 4.54
C PRO A 499 10.29 31.10 3.02
N ASN A 500 10.49 29.90 2.49
CA ASN A 500 10.78 29.74 1.07
C ASN A 500 9.67 30.33 0.19
N ASN A 501 8.41 30.12 0.58
CA ASN A 501 7.26 30.73 -0.07
C ASN A 501 7.32 30.59 -1.59
N MET A 502 7.54 29.37 -2.04
CA MET A 502 7.55 29.09 -3.47
C MET A 502 6.18 29.34 -4.07
N VAL A 503 6.14 30.10 -5.17
CA VAL A 503 4.87 30.47 -5.78
C VAL A 503 4.35 29.28 -6.59
N MET A 504 3.23 28.70 -6.15
CA MET A 504 2.59 27.62 -6.90
C MET A 504 2.02 28.16 -8.21
N GLN A 505 2.37 27.52 -9.32
CA GLN A 505 1.89 27.93 -10.64
C GLN A 505 1.31 26.74 -11.39
N ASN A 506 0.28 27.01 -12.20
CA ASN A 506 -0.39 25.96 -12.99
C ASN A 506 -0.81 24.78 -12.13
N ILE A 507 -1.54 25.08 -11.05
CA ILE A 507 -2.14 24.06 -10.19
C ILE A 507 -3.63 24.08 -10.49
N ARG A 508 -4.15 23.01 -11.09
CA ARG A 508 -5.53 22.99 -11.54
C ARG A 508 -6.23 21.74 -11.03
N VAL A 509 -7.50 21.91 -10.64
CA VAL A 509 -8.33 20.85 -10.08
C VAL A 509 -9.62 20.84 -10.89
N GLU A 510 -9.98 19.68 -11.45
CA GLU A 510 -11.12 19.59 -12.37
C GLU A 510 -11.93 18.34 -12.09
N ASN A 511 -13.26 18.46 -12.01
CA ASN A 511 -14.16 17.32 -11.86
C ASN A 511 -13.83 16.50 -10.61
N VAL A 512 -14.03 17.15 -9.46
CA VAL A 512 -13.69 16.55 -8.17
C VAL A 512 -14.91 16.66 -7.27
N ASN A 513 -15.25 15.56 -6.60
CA ASN A 513 -16.31 15.53 -5.61
C ASN A 513 -15.69 15.25 -4.25
N ILE A 514 -16.01 16.07 -3.26
CA ILE A 514 -15.50 15.92 -1.91
C ILE A 514 -16.71 15.72 -1.01
N ASN A 515 -16.89 14.50 -0.50
CA ASN A 515 -18.13 14.10 0.16
C ASN A 515 -17.91 13.88 1.64
N ASN A 516 -18.68 14.59 2.46
CA ASN A 516 -18.67 14.44 3.92
C ASN A 516 -17.30 14.60 4.57
N PRO A 517 -16.50 15.62 4.21
CA PRO A 517 -15.27 15.85 4.99
C PRO A 517 -15.63 16.35 6.38
N SER A 518 -14.93 15.84 7.40
CA SER A 518 -15.33 16.15 8.78
C SER A 518 -15.12 17.63 9.10
N ARG A 519 -14.16 18.27 8.47
CA ARG A 519 -13.86 19.67 8.72
C ARG A 519 -14.19 20.53 7.51
N TYR A 520 -13.37 20.49 6.45
CA TYR A 520 -13.56 21.37 5.30
C TYR A 520 -13.37 20.59 4.01
N GLY A 521 -14.06 21.03 2.95
CA GLY A 521 -13.77 20.50 1.64
C GLY A 521 -12.36 20.84 1.19
N ILE A 522 -11.98 22.11 1.31
CA ILE A 522 -10.67 22.62 0.92
C ILE A 522 -10.10 23.40 2.09
N LYS A 523 -8.85 23.13 2.44
CA LYS A 523 -8.14 23.92 3.45
C LYS A 523 -6.91 24.55 2.81
N LEU A 524 -6.83 25.88 2.89
CA LEU A 524 -5.58 26.59 2.65
C LEU A 524 -4.92 26.77 4.00
N VAL A 525 -3.79 26.08 4.21
CA VAL A 525 -3.15 26.09 5.52
C VAL A 525 -2.61 27.50 5.79
N VAL A 526 -3.03 28.08 6.90
CA VAL A 526 -2.64 29.45 7.25
C VAL A 526 -1.40 29.48 8.14
N ARG A 527 -1.36 28.60 9.15
CA ARG A 527 -0.21 28.52 10.03
C ARG A 527 -0.16 27.09 10.55
N ALA A 528 0.66 26.26 9.89
CA ALA A 528 0.74 24.85 10.23
C ALA A 528 1.31 24.63 11.63
N GLU A 529 2.18 25.52 12.08
CA GLU A 529 2.89 25.45 13.36
C GLU A 529 3.65 26.76 13.49
N GLN A 530 4.26 26.97 14.65
CA GLN A 530 4.98 28.21 14.91
C GLN A 530 6.00 28.48 13.81
N GLY A 531 6.00 29.71 13.30
CA GLY A 531 6.95 30.13 12.30
C GLY A 531 6.50 29.92 10.87
N GLN A 532 5.36 29.28 10.65
CA GLN A 532 4.88 28.97 9.31
C GLN A 532 3.72 29.88 8.95
N GLY A 533 3.61 30.17 7.65
CA GLY A 533 2.60 31.07 7.16
C GLY A 533 1.77 30.47 6.04
N PRO A 534 1.02 31.31 5.34
CA PRO A 534 0.02 30.84 4.38
C PRO A 534 0.62 30.54 3.00
N ALA A 535 -0.25 30.09 2.10
CA ALA A 535 0.19 29.55 0.82
C ALA A 535 0.42 30.66 -0.20
N TYR A 536 1.32 30.40 -1.15
CA TYR A 536 1.73 31.37 -2.17
C TYR A 536 1.42 30.84 -3.55
N GLY A 537 0.77 31.68 -4.36
CA GLY A 537 0.48 31.35 -5.74
C GLY A 537 -1.01 31.26 -5.96
N GLY A 538 -1.51 30.10 -6.36
CA GLY A 538 -2.93 29.93 -6.50
C GLY A 538 -3.26 28.58 -7.09
N ALA A 539 -4.56 28.34 -7.25
CA ALA A 539 -5.04 27.13 -7.89
C ALA A 539 -6.40 27.41 -8.52
N SER A 540 -6.67 26.71 -9.62
CA SER A 540 -7.95 26.84 -10.32
CA SER A 540 -7.94 26.83 -10.33
C SER A 540 -8.81 25.61 -10.04
N PHE A 541 -10.12 25.85 -9.97
CA PHE A 541 -11.11 24.83 -9.64
C PHE A 541 -12.23 24.88 -10.66
N THR A 542 -12.47 23.75 -11.33
CA THR A 542 -13.55 23.61 -12.29
C THR A 542 -14.35 22.38 -11.90
N ASN A 543 -15.66 22.56 -11.69
CA ASN A 543 -16.55 21.44 -11.37
C ASN A 543 -16.08 20.70 -10.13
N VAL A 544 -15.76 21.46 -9.08
CA VAL A 544 -15.36 20.89 -7.79
C VAL A 544 -16.53 21.07 -6.85
N LYS A 545 -17.14 19.96 -6.42
CA LYS A 545 -18.28 19.98 -5.52
C LYS A 545 -17.83 19.57 -4.12
N VAL A 546 -18.23 20.36 -3.13
CA VAL A 546 -18.03 20.02 -1.72
C VAL A 546 -19.41 19.75 -1.13
N ASN A 547 -19.62 18.53 -0.62
CA ASN A 547 -20.94 18.10 -0.17
C ASN A 547 -20.89 17.75 1.31
N ASN A 548 -21.75 18.41 2.09
CA ASN A 548 -21.91 18.14 3.52
C ASN A 548 -20.59 18.23 4.30
N PRO A 549 -19.87 19.34 4.24
CA PRO A 549 -18.70 19.49 5.11
C PRO A 549 -19.13 19.68 6.55
N GLY A 550 -18.31 19.18 7.47
CA GLY A 550 -18.65 19.30 8.88
C GLY A 550 -18.70 20.74 9.36
N ILE A 551 -17.78 21.57 8.90
CA ILE A 551 -17.70 22.97 9.30
C ILE A 551 -18.07 23.91 8.16
N SER A 552 -17.28 23.92 7.08
CA SER A 552 -17.55 24.79 5.95
C SER A 552 -16.84 24.24 4.73
N ALA A 553 -17.23 24.74 3.56
CA ALA A 553 -16.69 24.20 2.32
C ALA A 553 -15.19 24.50 2.17
N ILE A 554 -14.78 25.72 2.48
CA ILE A 554 -13.38 26.12 2.32
C ILE A 554 -12.94 26.92 3.54
N TYR A 555 -11.75 26.60 4.05
CA TYR A 555 -11.12 27.34 5.12
C TYR A 555 -9.82 27.98 4.62
N GLY A 556 -9.58 29.22 5.03
CA GLY A 556 -8.30 29.87 4.87
C GLY A 556 -8.22 30.92 3.78
N GLU A 557 -9.28 31.08 2.98
CA GLU A 557 -9.19 31.93 1.79
C GLU A 557 -8.91 33.39 2.17
N ALA A 558 -9.65 33.91 3.14
CA ALA A 558 -9.47 35.31 3.54
C ALA A 558 -8.13 35.54 4.22
N GLN A 559 -7.55 34.52 4.83
CA GLN A 559 -6.30 34.63 5.56
C GLN A 559 -5.09 34.28 4.73
N SER A 560 -5.27 34.08 3.43
CA SER A 560 -4.19 33.70 2.52
C SER A 560 -4.07 34.76 1.43
N PRO A 561 -3.52 35.94 1.77
CA PRO A 561 -3.49 37.05 0.80
C PRO A 561 -2.52 36.86 -0.35
N ASN A 562 -1.64 35.85 -0.30
CA ASN A 562 -0.69 35.58 -1.36
C ASN A 562 -1.15 34.44 -2.27
N PHE A 563 -2.35 33.92 -2.07
CA PHE A 563 -2.86 32.76 -2.79
C PHE A 563 -4.21 33.12 -3.40
N THR A 564 -4.36 32.86 -4.70
CA THR A 564 -5.61 33.17 -5.40
C THR A 564 -6.34 31.88 -5.75
N VAL A 565 -7.53 31.72 -5.19
CA VAL A 565 -8.46 30.65 -5.57
C VAL A 565 -9.22 31.15 -6.80
N THR A 566 -9.14 30.41 -7.89
CA THR A 566 -9.89 30.75 -9.11
C THR A 566 -11.03 29.74 -9.27
N ARG A 567 -12.26 30.24 -9.16
CA ARG A 567 -13.45 29.41 -9.38
C ARG A 567 -13.85 29.59 -10.84
N VAL A 568 -13.38 28.66 -11.69
CA VAL A 568 -13.64 28.79 -13.13
C VAL A 568 -15.12 28.65 -13.42
N SER A 569 -15.71 27.53 -13.01
CA SER A 569 -17.12 27.23 -13.22
C SER A 569 -17.45 25.97 -12.45
N GLY A 570 -18.74 25.78 -12.18
CA GLY A 570 -19.23 24.52 -11.67
C GLY A 570 -18.91 24.21 -10.21
N ASN A 571 -18.50 25.20 -9.43
CA ASN A 571 -18.17 24.98 -8.02
C ASN A 571 -19.34 25.42 -7.15
N ASN A 572 -19.65 24.62 -6.12
CA ASN A 572 -20.72 24.96 -5.20
C ASN A 572 -20.21 25.57 -3.89
N TRP A 573 -19.15 26.37 -3.98
CA TRP A 573 -18.50 26.98 -2.83
C TRP A 573 -17.69 28.19 -3.31
C1 GLC B . 14.36 5.59 4.16
C2 GLC B . 15.75 5.53 3.55
C3 GLC B . 15.69 4.75 2.26
C4 GLC B . 15.05 3.38 2.49
C5 GLC B . 13.68 3.56 3.07
C6 GLC B . 13.03 2.25 3.49
O1 GLC B . 13.61 6.39 3.32
O2 GLC B . 16.20 6.88 3.37
O3 GLC B . 17.01 4.47 1.85
O4 GLC B . 14.93 2.66 1.29
O5 GLC B . 13.78 4.32 4.24
O6 GLC B . 13.79 1.46 4.36
C1 GLC B . 17.24 4.62 0.41
C2 GLC B . 18.63 4.12 0.05
C3 GLC B . 19.66 5.15 0.52
C4 GLC B . 19.33 6.52 -0.05
C5 GLC B . 17.89 6.90 0.28
C6 GLC B . 17.47 8.25 -0.28
O2 GLC B . 18.86 2.88 0.70
O3 GLC B . 20.96 4.74 0.17
O4 GLC B . 20.22 7.48 0.50
O5 GLC B . 17.02 5.88 -0.20
O6 GLC B . 17.64 8.28 -1.69
C1 GLC C . 7.19 19.72 10.13
C2 GLC C . 8.25 18.72 9.76
C3 GLC C . 8.58 18.70 8.30
C4 GLC C . 7.28 18.58 7.53
C5 GLC C . 6.45 19.79 7.88
C6 GLC C . 5.13 19.72 7.17
O1 GLC C . 7.76 20.88 10.08
O2 GLC C . 9.42 18.92 10.53
O3 GLC C . 9.17 17.44 8.08
O4 GLC C . 7.51 18.55 6.12
O5 GLC C . 6.14 19.77 9.25
O6 GLC C . 4.21 20.71 7.56
C1 GLC C . 10.31 17.57 7.20
C2 GLC C . 10.87 16.16 6.98
C3 GLC C . 11.66 15.70 8.19
C4 GLC C . 12.71 16.75 8.56
C5 GLC C . 12.09 18.14 8.68
C6 GLC C . 13.18 19.20 8.87
O2 GLC C . 9.81 15.26 6.71
O3 GLC C . 12.28 14.47 7.91
O4 GLC C . 13.32 16.40 9.79
O5 GLC C . 11.36 18.47 7.52
O6 GLC C . 12.59 20.47 8.92
C1 GLC D . 2.87 -21.41 4.43
C2 GLC D . 3.12 -20.66 5.72
C3 GLC D . 2.00 -20.73 6.77
C4 GLC D . 0.70 -20.56 6.06
C5 GLC D . 0.58 -21.65 5.04
C6 GLC D . -0.79 -21.68 4.36
O1 GLC D . 3.14 -22.72 4.61
O2 GLC D . 4.35 -21.09 6.25
O3 GLC D . 2.06 -19.59 7.57
O4 GLC D . -0.34 -20.69 6.99
O5 GLC D . 1.51 -21.33 4.06
O6 GLC D . -1.13 -20.46 3.71
C1 GLC D . 2.48 -19.83 8.95
C2 GLC D . 2.29 -18.59 9.82
C3 GLC D . 3.39 -17.56 9.60
C4 GLC D . 4.72 -18.26 9.83
C5 GLC D . 4.80 -19.52 8.98
C6 GLC D . 6.16 -20.18 9.22
O2 GLC D . 1.00 -18.07 9.62
O3 GLC D . 3.25 -16.59 10.59
O4 GLC D . 5.82 -17.44 9.47
O5 GLC D . 3.72 -20.40 9.26
O6 GLC D . 6.22 -20.68 10.54
S SO4 E . -11.05 32.29 6.12
O1 SO4 E . -9.62 32.50 6.11
O2 SO4 E . -11.63 33.22 7.13
O3 SO4 E . -11.63 32.55 4.82
O4 SO4 E . -11.40 30.91 6.48
S SO4 F . 29.79 -18.39 -14.44
O1 SO4 F . 31.03 -17.94 -13.83
O2 SO4 F . 28.93 -17.23 -14.72
O3 SO4 F . 30.10 -19.05 -15.71
O4 SO4 F . 29.12 -19.33 -13.55
S SO4 G . 26.56 -3.71 -11.78
O1 SO4 G . 27.01 -3.89 -10.40
O2 SO4 G . 25.10 -3.69 -11.82
O3 SO4 G . 27.07 -2.44 -12.29
O4 SO4 G . 27.09 -4.80 -12.61
S SO4 H . 17.65 -13.84 14.09
O1 SO4 H . 16.96 -12.70 14.69
O2 SO4 H . 17.71 -13.66 12.64
O3 SO4 H . 19.00 -13.90 14.65
O4 SO4 H . 16.93 -15.07 14.42
S SO4 I . -8.13 28.12 16.23
O1 SO4 I . -7.14 27.19 16.79
O2 SO4 I . -8.52 29.11 17.23
O3 SO4 I . -7.56 28.81 15.07
O4 SO4 I . -9.32 27.38 15.81
CA CA J . -13.49 -4.22 7.55
C ACY K . 6.42 10.01 7.38
O ACY K . 7.66 10.09 7.73
OXT ACY K . 5.66 9.09 7.62
CH3 ACY K . 5.95 11.25 6.61
C ACY L . 11.12 19.56 -18.08
O ACY L . 10.33 18.59 -18.39
OXT ACY L . 10.94 20.36 -17.17
CH3 ACY L . 12.37 19.63 -18.98
#